data_5EV0
#
_entry.id   5EV0
#
_cell.length_a   55.132
_cell.length_b   40.342
_cell.length_c   60.256
_cell.angle_alpha   90.000
_cell.angle_beta   104.420
_cell.angle_gamma   90.000
#
_symmetry.space_group_name_H-M   'P 1 21 1'
#
loop_
_entity.id
_entity.type
_entity.pdbx_description
1 polymer Profilin
2 polymer PRO-PRO-PRO-PRO-PRO-PRO-PRO-PRO-PRO
3 water water
#
loop_
_entity_poly.entity_id
_entity_poly.type
_entity_poly.pdbx_seq_one_letter_code
_entity_poly.pdbx_strand_id
1 'polypeptide(L)'
;SGSWQTYVDEHLM(CME)DIEGTGQHLASAAIFGTDGNVWAKSSSFPEFKPDEINAIIKEFSEPGALAPTGLFLAGAKYM
VIQGEPGAVIRGKKGAGGICIKKTGQAMVFGIYEEPVNPGQCNMVVERLGDYLVDQGM
;
A,B
2 'polypeptide(L)' PPPPPPPPP C,D
#
# COMPACT_ATOMS: atom_id res chain seq x y z
N SER A 1 -5.58 -13.45 11.34
CA SER A 1 -7.07 -13.22 11.41
C SER A 1 -7.49 -12.03 10.54
N GLY A 2 -6.82 -10.89 10.65
CA GLY A 2 -6.83 -9.93 9.56
C GLY A 2 -5.49 -9.82 8.84
N SER A 3 -4.62 -10.84 8.95
CA SER A 3 -3.24 -10.66 8.39
C SER A 3 -3.13 -10.89 6.90
N TRP A 4 -1.96 -10.57 6.32
CA TRP A 4 -1.73 -10.88 4.89
C TRP A 4 -1.83 -12.37 4.68
N GLN A 5 -1.35 -13.15 5.63
CA GLN A 5 -1.44 -14.57 5.52
C GLN A 5 -2.89 -15.03 5.49
N THR A 6 -3.75 -14.32 6.15
CA THR A 6 -5.19 -14.64 6.15
C THR A 6 -5.76 -14.31 4.84
N TYR A 7 -5.27 -13.19 4.24
CA TYR A 7 -5.75 -12.86 2.90
C TYR A 7 -5.45 -14.01 1.95
N VAL A 8 -4.22 -14.53 1.98
CA VAL A 8 -3.87 -15.59 1.09
C VAL A 8 -4.74 -16.88 1.44
N ASP A 9 -4.72 -17.28 2.68
CA ASP A 9 -5.40 -18.55 3.06
C ASP A 9 -6.90 -18.51 2.87
N GLU A 10 -7.52 -17.39 3.15
CA GLU A 10 -8.98 -17.31 3.12
C GLU A 10 -9.54 -16.69 1.87
N HIS A 11 -8.75 -15.88 1.12
CA HIS A 11 -9.29 -15.22 -0.09
C HIS A 11 -8.70 -15.58 -1.42
N LEU A 12 -7.58 -16.27 -1.40
CA LEU A 12 -7.04 -16.79 -2.59
C LEU A 12 -7.17 -18.25 -2.59
N MET A 13 -6.97 -18.91 -1.46
CA MET A 13 -6.93 -20.38 -1.45
C MET A 13 -8.28 -21.06 -1.01
N ASP A 15 -12.34 -22.41 -1.33
CA ASP A 15 -13.08 -23.21 -2.33
C ASP A 15 -13.65 -22.29 -3.39
N ILE A 16 -13.42 -22.55 -4.67
CA ILE A 16 -13.84 -21.61 -5.71
C ILE A 16 -15.32 -21.78 -6.02
N GLU A 17 -16.09 -20.75 -5.72
CA GLU A 17 -17.53 -20.73 -5.95
C GLU A 17 -18.30 -22.00 -5.58
N GLY A 18 -17.90 -22.65 -4.50
CA GLY A 18 -18.60 -23.86 -4.07
C GLY A 18 -18.35 -25.10 -4.92
N THR A 19 -17.54 -24.98 -5.99
CA THR A 19 -17.28 -26.09 -6.92
C THR A 19 -16.49 -27.24 -6.30
N GLY A 20 -15.95 -27.09 -5.09
CA GLY A 20 -15.01 -28.09 -4.54
C GLY A 20 -13.53 -27.95 -5.02
N GLN A 21 -13.24 -27.00 -5.90
CA GLN A 21 -11.84 -26.79 -6.39
C GLN A 21 -11.13 -25.62 -5.69
N HIS A 22 -9.79 -25.69 -5.64
CA HIS A 22 -8.91 -24.64 -5.09
C HIS A 22 -7.72 -24.30 -6.00
N LEU A 23 -7.18 -23.10 -5.89
CA LEU A 23 -5.85 -22.85 -6.46
C LEU A 23 -4.85 -23.78 -5.76
N ALA A 24 -3.83 -24.17 -6.49
CA ALA A 24 -2.74 -24.95 -5.95
C ALA A 24 -1.90 -24.15 -4.98
N SER A 25 -1.72 -22.87 -5.28
CA SER A 25 -0.96 -21.98 -4.39
C SER A 25 -1.19 -20.54 -4.78
N ALA A 26 -0.78 -19.63 -3.90
CA ALA A 26 -1.00 -18.20 -4.06
C ALA A 26 -0.06 -17.41 -3.15
N ALA A 27 0.12 -16.13 -3.48
CA ALA A 27 1.02 -15.26 -2.76
C ALA A 27 0.69 -13.87 -3.03
N ILE A 28 1.05 -12.99 -2.08
CA ILE A 28 0.97 -11.56 -2.28
C ILE A 28 2.36 -10.97 -2.03
N PHE A 29 2.82 -10.22 -3.00
CA PHE A 29 4.19 -9.61 -3.00
C PHE A 29 4.08 -8.07 -3.09
N GLY A 30 5.06 -7.36 -2.61
CA GLY A 30 5.12 -5.93 -2.88
C GLY A 30 5.53 -5.78 -4.32
N THR A 31 5.23 -4.62 -4.89
CA THR A 31 5.73 -4.31 -6.25
C THR A 31 7.25 -4.26 -6.28
N ASP A 32 7.92 -4.07 -5.17
CA ASP A 32 9.37 -4.21 -5.08
C ASP A 32 9.87 -5.64 -5.04
N GLY A 33 8.97 -6.62 -5.03
CA GLY A 33 9.41 -7.99 -5.05
C GLY A 33 9.64 -8.67 -3.73
N ASN A 34 9.37 -8.02 -2.61
CA ASN A 34 9.41 -8.76 -1.32
C ASN A 34 8.06 -9.42 -1.02
N VAL A 35 8.09 -10.64 -0.55
CA VAL A 35 6.85 -11.36 -0.26
C VAL A 35 6.13 -10.78 0.98
N TRP A 36 4.86 -10.53 0.90
CA TRP A 36 4.09 -10.13 2.04
C TRP A 36 3.44 -11.43 2.73
N ALA A 37 2.92 -12.36 1.94
CA ALA A 37 2.53 -13.66 2.46
C ALA A 37 2.46 -14.64 1.32
N LYS A 38 2.62 -15.92 1.59
CA LYS A 38 2.36 -16.91 0.60
C LYS A 38 1.82 -18.20 1.23
N SER A 39 1.28 -19.05 0.40
CA SER A 39 0.66 -20.29 0.88
C SER A 39 1.78 -21.30 1.07
N SER A 40 1.50 -22.30 1.89
CA SER A 40 2.53 -23.24 2.32
C SER A 40 3.04 -24.01 1.15
N SER A 41 2.19 -24.17 0.16
CA SER A 41 2.50 -24.80 -1.12
C SER A 41 3.18 -23.89 -2.20
N PHE A 42 3.27 -22.60 -2.01
CA PHE A 42 3.82 -21.71 -3.08
C PHE A 42 5.22 -22.13 -3.43
N PRO A 43 5.52 -22.24 -4.71
CA PRO A 43 6.84 -22.70 -5.17
C PRO A 43 8.11 -21.94 -4.67
N GLU A 44 9.25 -22.60 -4.70
CA GLU A 44 10.50 -21.98 -4.21
C GLU A 44 11.02 -21.05 -5.28
N PHE A 45 10.43 -19.86 -5.35
CA PHE A 45 10.75 -18.91 -6.40
C PHE A 45 12.18 -18.36 -6.18
N LYS A 46 12.82 -17.92 -7.22
CA LYS A 46 14.11 -17.26 -7.10
C LYS A 46 13.96 -15.75 -7.30
N PRO A 47 14.87 -14.98 -6.70
CA PRO A 47 14.86 -13.51 -6.83
C PRO A 47 14.83 -13.03 -8.28
N ASP A 48 15.58 -13.63 -9.19
CA ASP A 48 15.53 -13.11 -10.58
C ASP A 48 14.28 -13.49 -11.37
N GLU A 49 13.60 -14.53 -10.93
CA GLU A 49 12.28 -14.82 -11.45
C GLU A 49 11.27 -13.73 -11.11
N ILE A 50 11.32 -13.25 -9.88
CA ILE A 50 10.51 -12.15 -9.43
C ILE A 50 10.90 -10.84 -10.12
N ASN A 51 12.19 -10.61 -10.34
CA ASN A 51 12.64 -9.40 -11.09
C ASN A 51 12.17 -9.40 -12.54
N ALA A 52 12.19 -10.56 -13.18
CA ALA A 52 11.66 -10.68 -14.53
C ALA A 52 10.17 -10.36 -14.59
N ILE A 53 9.45 -10.74 -13.54
CA ILE A 53 8.03 -10.43 -13.52
C ILE A 53 7.83 -8.95 -13.33
N ILE A 54 8.54 -8.38 -12.37
CA ILE A 54 8.50 -6.94 -12.21
C ILE A 54 8.83 -6.21 -13.53
N LYS A 55 9.86 -6.69 -14.24
CA LYS A 55 10.20 -6.16 -15.56
C LYS A 55 9.07 -6.30 -16.58
N GLU A 56 8.40 -7.46 -16.59
CA GLU A 56 7.30 -7.67 -17.51
C GLU A 56 6.13 -6.70 -17.29
N PHE A 57 5.88 -6.33 -16.04
CA PHE A 57 4.89 -5.27 -15.72
C PHE A 57 5.35 -3.84 -16.15
N SER A 58 6.65 -3.59 -16.21
CA SER A 58 7.19 -2.33 -16.78
C SER A 58 7.34 -2.32 -18.31
N GLU A 59 7.52 -3.49 -18.92
CA GLU A 59 7.80 -3.62 -20.38
C GLU A 59 6.96 -4.70 -20.93
N PRO A 60 5.68 -4.45 -21.07
CA PRO A 60 4.78 -5.54 -21.43
C PRO A 60 5.33 -6.37 -22.60
N GLY A 61 5.13 -7.69 -22.60
CA GLY A 61 5.52 -8.61 -23.69
C GLY A 61 6.96 -9.07 -23.76
N ALA A 62 7.83 -8.52 -22.92
CA ALA A 62 9.21 -8.94 -22.84
C ALA A 62 9.36 -10.50 -22.69
N LEU A 63 8.51 -11.15 -21.90
CA LEU A 63 8.63 -12.58 -21.62
C LEU A 63 7.94 -13.46 -22.61
N ALA A 64 7.13 -12.89 -23.47
CA ALA A 64 6.33 -13.70 -24.40
C ALA A 64 7.16 -14.68 -25.23
N PRO A 65 8.30 -14.23 -25.78
CA PRO A 65 9.01 -15.22 -26.60
C PRO A 65 9.69 -16.35 -25.84
N THR A 66 10.05 -16.14 -24.59
CA THR A 66 10.93 -17.09 -23.91
C THR A 66 10.30 -17.74 -22.66
N GLY A 67 9.28 -17.12 -22.07
CA GLY A 67 8.53 -17.80 -21.03
C GLY A 67 8.65 -17.14 -19.67
N LEU A 68 7.76 -17.54 -18.80
CA LEU A 68 7.76 -17.05 -17.45
C LEU A 68 8.20 -18.22 -16.60
N PHE A 69 9.25 -18.01 -15.83
CA PHE A 69 9.79 -19.03 -14.94
C PHE A 69 9.42 -18.75 -13.52
N LEU A 70 9.03 -19.80 -12.84
CA LEU A 70 8.84 -19.73 -11.42
C LEU A 70 9.26 -21.04 -10.83
N ALA A 71 10.20 -20.98 -9.87
CA ALA A 71 10.87 -22.15 -9.30
C ALA A 71 11.42 -23.07 -10.38
N GLY A 72 11.99 -22.50 -11.43
CA GLY A 72 12.54 -23.31 -12.50
C GLY A 72 11.52 -23.88 -13.45
N ALA A 73 10.22 -23.72 -13.20
CA ALA A 73 9.19 -24.24 -14.10
C ALA A 73 8.77 -23.18 -15.09
N LYS A 74 8.59 -23.58 -16.34
CA LYS A 74 8.31 -22.66 -17.42
C LYS A 74 6.83 -22.61 -17.73
N TYR A 75 6.29 -21.41 -17.72
CA TYR A 75 4.93 -21.19 -18.11
C TYR A 75 4.97 -20.43 -19.41
N MET A 76 4.16 -20.84 -20.38
CA MET A 76 4.06 -20.08 -21.63
C MET A 76 3.16 -18.85 -21.39
N VAL A 77 3.63 -17.67 -21.77
CA VAL A 77 2.92 -16.41 -21.54
C VAL A 77 1.75 -16.28 -22.52
N ILE A 78 0.54 -16.07 -22.02
CA ILE A 78 -0.61 -15.93 -22.89
C ILE A 78 -1.13 -14.53 -22.79
N GLN A 79 -2.34 -14.26 -23.26
CA GLN A 79 -2.76 -12.83 -23.32
C GLN A 79 -3.05 -12.25 -21.91
N GLY A 80 -2.36 -11.17 -21.55
CA GLY A 80 -2.60 -10.45 -20.31
C GLY A 80 -2.97 -9.01 -20.60
N GLU A 81 -2.74 -8.09 -19.68
CA GLU A 81 -3.06 -6.67 -19.84
C GLU A 81 -1.88 -5.84 -19.42
N PRO A 82 -1.42 -4.92 -20.29
CA PRO A 82 -0.14 -4.27 -20.11
C PRO A 82 -0.06 -3.56 -18.79
N GLY A 83 1.00 -3.89 -18.05
CA GLY A 83 1.25 -3.30 -16.76
C GLY A 83 0.30 -3.75 -15.66
N ALA A 84 -0.64 -4.66 -15.94
CA ALA A 84 -1.71 -4.97 -14.96
C ALA A 84 -1.95 -6.47 -14.70
N VAL A 85 -1.98 -7.27 -15.75
CA VAL A 85 -2.14 -8.70 -15.58
C VAL A 85 -1.17 -9.46 -16.43
N ILE A 86 -0.52 -10.49 -15.84
CA ILE A 86 0.30 -11.45 -16.56
C ILE A 86 -0.30 -12.85 -16.37
N ARG A 87 -0.56 -13.54 -17.48
CA ARG A 87 -1.08 -14.89 -17.46
C ARG A 87 -0.18 -15.84 -18.18
N GLY A 88 -0.11 -17.04 -17.64
CA GLY A 88 0.69 -18.07 -18.20
C GLY A 88 0.09 -19.43 -18.07
N LYS A 89 0.55 -20.31 -18.95
CA LYS A 89 0.02 -21.64 -19.03
C LYS A 89 1.13 -22.68 -19.01
N LYS A 90 0.86 -23.79 -18.35
CA LYS A 90 1.73 -24.92 -18.32
C LYS A 90 0.86 -26.17 -18.29
N GLY A 91 0.76 -26.85 -19.40
CA GLY A 91 -0.09 -28.02 -19.49
C GLY A 91 -1.54 -27.66 -19.21
N ALA A 92 -2.18 -28.42 -18.35
CA ALA A 92 -3.55 -28.12 -17.98
C ALA A 92 -3.58 -27.22 -16.74
N GLY A 93 -2.41 -26.80 -16.28
CA GLY A 93 -2.32 -25.78 -15.23
C GLY A 93 -1.90 -24.42 -15.75
N GLY A 94 -1.71 -23.49 -14.82
CA GLY A 94 -1.35 -22.12 -15.14
C GLY A 94 -1.07 -21.21 -13.97
N ILE A 95 -0.92 -19.92 -14.30
CA ILE A 95 -0.57 -18.90 -13.34
C ILE A 95 -1.18 -17.55 -13.76
N CYS A 96 -1.54 -16.75 -12.76
CA CYS A 96 -2.12 -15.45 -13.01
C CYS A 96 -1.59 -14.47 -11.94
N ILE A 97 -1.15 -13.31 -12.40
CA ILE A 97 -0.48 -12.34 -11.56
C ILE A 97 -1.08 -10.96 -11.83
N LYS A 98 -1.58 -10.31 -10.78
CA LYS A 98 -2.34 -9.08 -10.92
C LYS A 98 -1.64 -8.08 -10.10
N LYS A 99 -1.25 -6.98 -10.76
CA LYS A 99 -0.51 -5.92 -10.11
C LYS A 99 -1.51 -4.85 -9.69
N THR A 100 -1.34 -4.32 -8.49
CA THR A 100 -2.17 -3.23 -7.99
C THR A 100 -1.25 -1.99 -7.84
N GLY A 101 -1.68 -1.04 -7.04
CA GLY A 101 -0.86 0.13 -6.71
C GLY A 101 0.39 -0.21 -5.97
N GLN A 102 0.33 -1.21 -5.09
CA GLN A 102 1.44 -1.50 -4.20
C GLN A 102 1.84 -2.98 -4.20
N ALA A 103 1.02 -3.84 -4.76
CA ALA A 103 1.17 -5.27 -4.56
C ALA A 103 1.05 -5.99 -5.88
N MET A 104 1.58 -7.20 -5.90
CA MET A 104 1.33 -8.12 -6.96
C MET A 104 0.70 -9.39 -6.30
N VAL A 105 -0.40 -9.86 -6.86
CA VAL A 105 -1.19 -10.99 -6.33
C VAL A 105 -1.02 -12.14 -7.27
N PHE A 106 -0.46 -13.22 -6.77
CA PHE A 106 -0.20 -14.40 -7.56
C PHE A 106 -1.20 -15.50 -7.26
N GLY A 107 -1.63 -16.18 -8.30
CA GLY A 107 -2.40 -17.42 -8.25
C GLY A 107 -1.80 -18.47 -9.17
N ILE A 108 -1.59 -19.69 -8.64
CA ILE A 108 -1.21 -20.85 -9.40
C ILE A 108 -2.28 -21.97 -9.38
N TYR A 109 -2.63 -22.43 -10.56
CA TYR A 109 -3.69 -23.46 -10.66
C TYR A 109 -3.26 -24.70 -11.39
N GLU A 110 -3.96 -25.80 -11.12
CA GLU A 110 -3.81 -27.08 -11.80
C GLU A 110 -5.19 -27.60 -12.14
N GLU A 111 -5.28 -28.42 -13.21
CA GLU A 111 -6.54 -29.01 -13.64
C GLU A 111 -7.18 -29.63 -12.40
N PRO A 112 -8.51 -29.54 -12.29
CA PRO A 112 -9.45 -29.03 -13.26
C PRO A 112 -9.78 -27.53 -13.22
N VAL A 113 -9.06 -26.75 -12.44
CA VAL A 113 -9.38 -25.35 -12.35
C VAL A 113 -9.11 -24.73 -13.73
N ASN A 114 -9.92 -23.78 -14.19
CA ASN A 114 -9.74 -23.15 -15.50
C ASN A 114 -9.03 -21.85 -15.34
N PRO A 115 -8.38 -21.37 -16.40
CA PRO A 115 -7.72 -20.11 -16.26
C PRO A 115 -8.63 -18.98 -15.88
N GLY A 116 -9.90 -19.04 -16.30
CA GLY A 116 -10.86 -17.98 -15.99
C GLY A 116 -11.13 -17.83 -14.50
N GLN A 117 -11.20 -18.97 -13.80
CA GLN A 117 -11.39 -19.02 -12.35
C GLN A 117 -10.19 -18.46 -11.57
N CYS A 118 -8.97 -18.85 -11.96
CA CYS A 118 -7.78 -18.31 -11.33
C CYS A 118 -7.83 -16.79 -11.52
N ASN A 119 -8.06 -16.36 -12.76
CA ASN A 119 -8.11 -14.92 -13.11
CA ASN A 119 -8.10 -14.91 -13.07
C ASN A 119 -9.13 -14.22 -12.24
N MET A 120 -10.27 -14.87 -12.08
CA MET A 120 -11.33 -14.31 -11.30
C MET A 120 -10.93 -14.20 -9.84
N VAL A 121 -10.32 -15.23 -9.26
CA VAL A 121 -9.93 -15.16 -7.85
C VAL A 121 -8.92 -14.01 -7.61
N VAL A 122 -7.90 -13.99 -8.45
CA VAL A 122 -6.81 -13.08 -8.25
C VAL A 122 -7.22 -11.64 -8.55
N GLU A 123 -8.08 -11.46 -9.53
CA GLU A 123 -8.54 -10.13 -9.87
C GLU A 123 -9.54 -9.62 -8.87
N ARG A 124 -10.38 -10.49 -8.32
CA ARG A 124 -11.31 -9.99 -7.34
C ARG A 124 -10.51 -9.40 -6.15
N LEU A 125 -9.51 -10.13 -5.64
CA LEU A 125 -8.71 -9.63 -4.52
C LEU A 125 -7.94 -8.37 -4.94
N GLY A 126 -7.31 -8.41 -6.10
CA GLY A 126 -6.52 -7.27 -6.57
C GLY A 126 -7.35 -6.03 -6.65
N ASP A 127 -8.52 -6.15 -7.22
CA ASP A 127 -9.45 -4.99 -7.30
C ASP A 127 -9.88 -4.46 -5.92
N TYR A 128 -10.12 -5.36 -4.96
CA TYR A 128 -10.42 -4.89 -3.60
C TYR A 128 -9.29 -4.08 -3.02
N LEU A 129 -8.07 -4.57 -3.18
CA LEU A 129 -6.90 -3.83 -2.69
C LEU A 129 -6.78 -2.46 -3.35
N VAL A 130 -7.03 -2.38 -4.63
CA VAL A 130 -6.99 -1.08 -5.30
C VAL A 130 -8.03 -0.14 -4.66
N ASP A 131 -9.24 -0.62 -4.40
CA ASP A 131 -10.26 0.18 -3.68
C ASP A 131 -9.86 0.65 -2.29
N GLN A 132 -9.02 -0.11 -1.60
CA GLN A 132 -8.54 0.31 -0.31
C GLN A 132 -7.29 1.23 -0.46
N GLY A 133 -6.94 1.63 -1.68
CA GLY A 133 -5.82 2.51 -1.91
C GLY A 133 -4.49 1.79 -1.89
N MET A 134 -4.51 0.50 -2.21
CA MET A 134 -3.28 -0.26 -2.36
C MET A 134 -3.22 -0.90 -3.74
N GLY B 2 19.73 24.34 10.10
CA GLY B 2 18.61 23.35 9.93
C GLY B 2 17.37 23.85 10.66
N SER B 3 16.22 23.81 9.99
CA SER B 3 14.96 24.17 10.64
C SER B 3 13.83 23.20 10.27
N TRP B 4 12.76 23.27 11.01
CA TRP B 4 11.59 22.40 10.72
C TRP B 4 10.96 22.81 9.44
N GLN B 5 11.02 24.11 9.08
CA GLN B 5 10.48 24.55 7.82
C GLN B 5 11.19 23.92 6.63
N THR B 6 12.48 23.70 6.76
CA THR B 6 13.24 23.03 5.72
C THR B 6 12.83 21.55 5.61
N TYR B 7 12.58 20.95 6.74
CA TYR B 7 12.01 19.57 6.71
C TYR B 7 10.71 19.52 5.97
N VAL B 8 9.82 20.45 6.20
CA VAL B 8 8.57 20.45 5.46
C VAL B 8 8.81 20.72 3.95
N ASP B 9 9.57 21.78 3.63
CA ASP B 9 9.74 22.11 2.20
C ASP B 9 10.51 21.06 1.43
N GLU B 10 11.54 20.50 2.02
CA GLU B 10 12.41 19.62 1.25
C GLU B 10 12.13 18.17 1.41
N HIS B 11 11.40 17.79 2.45
CA HIS B 11 11.16 16.34 2.65
C HIS B 11 9.70 15.93 2.65
N LEU B 12 8.77 16.86 2.78
CA LEU B 12 7.37 16.50 2.61
C LEU B 12 6.80 17.07 1.32
N MET B 13 7.21 18.28 0.91
CA MET B 13 6.60 18.93 -0.22
C MET B 13 7.40 18.81 -1.50
N ASP B 15 8.99 16.99 -4.93
CA ASP B 15 8.45 16.22 -6.04
C ASP B 15 8.54 14.69 -5.84
N ILE B 16 7.41 13.98 -5.86
CA ILE B 16 7.41 12.61 -5.33
C ILE B 16 7.97 11.63 -6.33
N GLU B 17 9.02 10.93 -5.94
CA GLU B 17 9.63 9.84 -6.75
C GLU B 17 9.83 10.23 -8.23
N GLY B 18 10.19 11.49 -8.50
CA GLY B 18 10.41 11.97 -9.88
C GLY B 18 9.18 12.22 -10.75
N THR B 19 7.99 11.95 -10.22
CA THR B 19 6.76 11.97 -11.02
C THR B 19 6.30 13.36 -11.39
N GLY B 20 6.90 14.41 -10.86
CA GLY B 20 6.38 15.77 -11.08
C GLY B 20 5.16 16.08 -10.19
N GLN B 21 4.75 15.15 -9.34
CA GLN B 21 3.62 15.38 -8.42
C GLN B 21 4.07 15.74 -7.00
N HIS B 22 3.24 16.50 -6.28
CA HIS B 22 3.50 16.90 -4.90
C HIS B 22 2.28 16.69 -3.99
N LEU B 23 2.52 16.60 -2.67
CA LEU B 23 1.47 16.75 -1.70
C LEU B 23 0.88 18.11 -1.82
N ALA B 24 -0.40 18.23 -1.52
CA ALA B 24 -1.09 19.52 -1.48
C ALA B 24 -0.60 20.35 -0.34
N SER B 25 -0.35 19.71 0.80
CA SER B 25 0.17 20.40 1.96
C SER B 25 0.70 19.41 2.95
N ALA B 26 1.44 19.91 3.91
CA ALA B 26 2.12 19.11 4.93
C ALA B 26 2.43 19.97 6.14
N ALA B 27 2.67 19.32 7.28
CA ALA B 27 2.99 19.99 8.51
C ALA B 27 3.64 19.03 9.43
N ILE B 28 4.41 19.57 10.36
CA ILE B 28 4.95 18.81 11.46
C ILE B 28 4.52 19.53 12.71
N PHE B 29 3.88 18.74 13.58
CA PHE B 29 3.38 19.22 14.85
C PHE B 29 4.14 18.52 15.99
N GLY B 30 4.20 19.13 17.15
CA GLY B 30 4.61 18.37 18.34
C GLY B 30 3.44 17.47 18.73
N THR B 31 3.73 16.43 19.50
CA THR B 31 2.67 15.56 20.01
C THR B 31 1.79 16.35 20.93
N ASP B 32 2.27 17.47 21.49
CA ASP B 32 1.43 18.42 22.24
C ASP B 32 0.44 19.22 21.41
N GLY B 33 0.46 19.05 20.11
CA GLY B 33 -0.44 19.73 19.29
C GLY B 33 0.01 21.13 18.85
N ASN B 34 1.20 21.59 19.19
CA ASN B 34 1.69 22.92 18.61
C ASN B 34 2.35 22.66 17.28
N VAL B 35 2.07 23.50 16.31
CA VAL B 35 2.72 23.36 15.03
C VAL B 35 4.20 23.72 15.12
N TRP B 36 5.04 22.91 14.53
CA TRP B 36 6.49 23.23 14.45
C TRP B 36 6.76 23.91 13.11
N ALA B 37 6.21 23.37 12.03
CA ALA B 37 6.26 24.08 10.73
C ALA B 37 5.12 23.57 9.88
N LYS B 38 4.70 24.37 8.92
CA LYS B 38 3.72 23.90 7.95
C LYS B 38 3.90 24.60 6.65
N SER B 39 3.32 24.01 5.63
CA SER B 39 3.40 24.57 4.30
C SER B 39 2.36 25.64 4.17
N SER B 40 2.54 26.53 3.20
CA SER B 40 1.73 27.74 3.14
C SER B 40 0.28 27.40 2.83
N SER B 41 0.11 26.30 2.12
CA SER B 41 -1.19 25.73 1.77
C SER B 41 -1.87 24.88 2.89
N PHE B 42 -1.23 24.62 4.01
CA PHE B 42 -1.82 23.75 5.04
C PHE B 42 -3.11 24.37 5.57
N PRO B 43 -4.17 23.56 5.80
CA PRO B 43 -5.51 24.07 6.15
C PRO B 43 -5.57 24.78 7.47
N GLU B 44 -6.60 25.60 7.67
CA GLU B 44 -6.80 26.35 8.94
C GLU B 44 -7.45 25.44 9.97
N PHE B 45 -6.60 24.66 10.61
CA PHE B 45 -7.06 23.63 11.53
C PHE B 45 -7.55 24.29 12.82
N LYS B 46 -8.46 23.63 13.54
CA LYS B 46 -8.92 24.14 14.84
C LYS B 46 -8.32 23.31 15.97
N PRO B 47 -8.15 23.91 17.14
CA PRO B 47 -7.50 23.25 18.24
C PRO B 47 -8.20 21.93 18.62
N ASP B 48 -9.54 21.87 18.62
CA ASP B 48 -10.17 20.59 18.99
C ASP B 48 -10.09 19.52 17.92
N GLU B 49 -9.84 19.92 16.66
CA GLU B 49 -9.52 18.98 15.61
C GLU B 49 -8.19 18.28 15.88
N ILE B 50 -7.23 19.06 16.32
CA ILE B 50 -5.91 18.53 16.68
C ILE B 50 -6.01 17.64 17.93
N ASN B 51 -6.81 18.04 18.92
CA ASN B 51 -7.01 17.22 20.14
C ASN B 51 -7.65 15.89 19.84
N ALA B 52 -8.54 15.87 18.84
CA ALA B 52 -9.18 14.64 18.45
C ALA B 52 -8.15 13.72 17.80
N ILE B 53 -7.20 14.31 17.08
CA ILE B 53 -6.18 13.47 16.46
C ILE B 53 -5.26 12.92 17.51
N ILE B 54 -4.85 13.74 18.45
CA ILE B 54 -4.07 13.26 19.59
C ILE B 54 -4.81 12.11 20.33
N LYS B 55 -6.10 12.30 20.59
CA LYS B 55 -6.89 11.23 21.22
C LYS B 55 -6.95 9.94 20.38
N GLU B 56 -7.09 10.08 19.06
CA GLU B 56 -7.12 8.91 18.18
C GLU B 56 -5.84 8.03 18.28
N PHE B 57 -4.68 8.68 18.44
CA PHE B 57 -3.40 7.99 18.67
C PHE B 57 -3.31 7.33 20.07
N SER B 58 -4.04 7.84 21.06
CA SER B 58 -4.19 7.14 22.35
C SER B 58 -5.30 6.11 22.41
N GLU B 59 -6.30 6.22 21.55
CA GLU B 59 -7.47 5.33 21.56
C GLU B 59 -7.83 4.94 20.19
N PRO B 60 -7.05 4.03 19.61
CA PRO B 60 -7.22 3.73 18.24
C PRO B 60 -8.67 3.38 17.91
N GLY B 61 -9.15 3.86 16.76
CA GLY B 61 -10.53 3.65 16.28
C GLY B 61 -11.64 4.56 16.80
N ALA B 62 -11.36 5.41 17.76
CA ALA B 62 -12.32 6.43 18.24
C ALA B 62 -13.03 7.23 17.12
N LEU B 63 -12.30 7.60 16.08
CA LEU B 63 -12.84 8.43 15.00
C LEU B 63 -13.47 7.70 13.86
N ALA B 64 -13.27 6.40 13.79
CA ALA B 64 -13.75 5.63 12.65
C ALA B 64 -15.27 5.74 12.39
N PRO B 65 -16.09 5.75 13.43
CA PRO B 65 -17.53 5.87 13.07
C PRO B 65 -17.96 7.27 12.59
N THR B 66 -17.26 8.32 13.02
CA THR B 66 -17.80 9.66 12.87
C THR B 66 -16.90 10.61 12.00
N GLY B 67 -15.62 10.28 11.84
CA GLY B 67 -14.77 11.00 10.89
C GLY B 67 -13.66 11.81 11.50
N LEU B 68 -12.75 12.20 10.65
CA LEU B 68 -11.63 13.03 11.06
C LEU B 68 -11.85 14.39 10.45
N PHE B 69 -11.94 15.39 11.27
CA PHE B 69 -12.21 16.76 10.78
C PHE B 69 -10.93 17.56 10.75
N LEU B 70 -10.74 18.27 9.67
CA LEU B 70 -9.62 19.22 9.61
C LEU B 70 -10.10 20.43 8.85
N ALA B 71 -10.00 21.58 9.49
CA ALA B 71 -10.51 22.86 8.97
C ALA B 71 -11.99 22.77 8.59
N GLY B 72 -12.76 21.99 9.36
CA GLY B 72 -14.18 21.81 9.04
C GLY B 72 -14.46 20.79 7.98
N ALA B 73 -13.44 20.27 7.29
CA ALA B 73 -13.65 19.26 6.25
C ALA B 73 -13.51 17.82 6.81
N LYS B 74 -14.40 16.94 6.40
CA LYS B 74 -14.50 15.61 6.99
C LYS B 74 -13.80 14.59 6.11
N TYR B 75 -12.86 13.88 6.68
CA TYR B 75 -12.18 12.79 5.99
C TYR B 75 -12.75 11.52 6.62
N MET B 76 -13.05 10.53 5.81
CA MET B 76 -13.47 9.24 6.32
C MET B 76 -12.22 8.44 6.75
N VAL B 77 -12.23 7.93 7.97
CA VAL B 77 -11.07 7.22 8.50
C VAL B 77 -10.95 5.83 7.90
N ILE B 78 -9.79 5.49 7.39
CA ILE B 78 -9.60 4.21 6.76
C ILE B 78 -8.58 3.46 7.55
N GLN B 79 -7.95 2.43 6.99
CA GLN B 79 -7.05 1.62 7.80
C GLN B 79 -5.80 2.38 8.17
N GLY B 80 -5.47 2.42 9.45
CA GLY B 80 -4.19 2.88 9.94
C GLY B 80 -3.48 1.88 10.83
N GLU B 81 -2.67 2.35 11.76
CA GLU B 81 -1.93 1.49 12.66
C GLU B 81 -2.05 2.05 14.01
N PRO B 82 -2.36 1.19 14.99
CA PRO B 82 -2.72 1.70 16.31
C PRO B 82 -1.62 2.44 16.94
N GLY B 83 -1.94 3.66 17.38
CA GLY B 83 -1.03 4.53 18.03
C GLY B 83 0.01 5.16 17.09
N ALA B 84 0.00 4.82 15.83
CA ALA B 84 1.14 5.18 14.98
C ALA B 84 0.74 5.95 13.71
N VAL B 85 -0.23 5.43 12.98
CA VAL B 85 -0.63 6.02 11.70
C VAL B 85 -2.11 6.17 11.68
N ILE B 86 -2.57 7.34 11.25
CA ILE B 86 -4.01 7.58 10.93
C ILE B 86 -4.10 7.92 9.49
N ARG B 87 -4.96 7.23 8.77
CA ARG B 87 -5.24 7.54 7.36
C ARG B 87 -6.68 7.88 7.14
N GLY B 88 -6.86 8.86 6.26
CA GLY B 88 -8.23 9.28 5.92
C GLY B 88 -8.43 9.62 4.47
N LYS B 89 -9.68 9.52 4.03
CA LYS B 89 -10.01 9.73 2.64
C LYS B 89 -11.12 10.77 2.50
N LYS B 90 -10.99 11.61 1.49
CA LYS B 90 -12.01 12.59 1.14
C LYS B 90 -12.03 12.74 -0.38
N GLY B 91 -13.04 12.18 -1.02
CA GLY B 91 -13.10 12.13 -2.47
C GLY B 91 -11.93 11.39 -3.06
N ALA B 92 -11.26 12.00 -4.02
CA ALA B 92 -10.06 11.40 -4.58
C ALA B 92 -8.78 11.84 -3.84
N GLY B 93 -8.95 12.60 -2.76
CA GLY B 93 -7.85 13.03 -1.93
C GLY B 93 -7.83 12.31 -0.60
N GLY B 94 -6.88 12.68 0.20
CA GLY B 94 -6.76 12.10 1.50
C GLY B 94 -5.74 12.75 2.40
N ILE B 95 -5.49 12.07 3.50
CA ILE B 95 -4.58 12.57 4.53
C ILE B 95 -3.89 11.38 5.20
N CYS B 96 -2.65 11.63 5.60
CA CYS B 96 -1.90 10.61 6.31
C CYS B 96 -1.14 11.31 7.44
N ILE B 97 -1.20 10.73 8.62
CA ILE B 97 -0.63 11.33 9.83
C ILE B 97 0.17 10.29 10.56
N LYS B 98 1.46 10.56 10.78
CA LYS B 98 2.33 9.56 11.35
C LYS B 98 2.86 10.14 12.64
N LYS B 99 2.75 9.38 13.72
CA LYS B 99 3.23 9.79 15.04
C LYS B 99 4.55 9.18 15.33
N THR B 100 5.46 9.98 15.90
CA THR B 100 6.77 9.50 16.27
C THR B 100 6.91 9.60 17.79
N GLY B 101 8.15 9.60 18.26
CA GLY B 101 8.41 9.87 19.68
C GLY B 101 7.93 11.22 20.15
N GLN B 102 8.11 12.26 19.36
CA GLN B 102 7.81 13.63 19.84
C GLN B 102 6.95 14.41 18.89
N ALA B 103 6.71 13.87 17.70
CA ALA B 103 6.11 14.65 16.60
C ALA B 103 4.97 13.91 15.95
N MET B 104 4.14 14.67 15.26
CA MET B 104 3.19 14.12 14.35
C MET B 104 3.40 14.75 12.98
N VAL B 105 3.53 13.91 11.98
CA VAL B 105 3.83 14.31 10.63
C VAL B 105 2.61 14.16 9.76
N PHE B 106 2.13 15.27 9.21
CA PHE B 106 0.96 15.31 8.39
C PHE B 106 1.26 15.44 6.95
N GLY B 107 0.57 14.66 6.15
CA GLY B 107 0.54 14.81 4.68
C GLY B 107 -0.87 14.82 4.11
N ILE B 108 -1.18 15.85 3.33
CA ILE B 108 -2.46 15.98 2.66
C ILE B 108 -2.27 15.95 1.15
N TYR B 109 -3.00 15.01 0.54
CA TYR B 109 -2.92 14.85 -0.91
C TYR B 109 -4.25 15.01 -1.65
N GLU B 110 -4.14 15.29 -2.93
CA GLU B 110 -5.27 15.37 -3.84
C GLU B 110 -4.86 14.67 -5.13
N GLU B 111 -5.85 14.20 -5.87
CA GLU B 111 -5.60 13.68 -7.20
C GLU B 111 -4.64 14.59 -7.98
N PRO B 112 -3.72 14.01 -8.74
CA PRO B 112 -3.61 12.60 -8.98
C PRO B 112 -2.67 11.86 -8.06
N VAL B 113 -2.24 12.42 -6.94
CA VAL B 113 -1.36 11.68 -6.04
C VAL B 113 -2.18 10.51 -5.45
N ASN B 114 -1.58 9.37 -5.22
CA ASN B 114 -2.36 8.25 -4.69
C ASN B 114 -1.98 8.03 -3.22
N PRO B 115 -2.84 7.28 -2.48
CA PRO B 115 -2.59 7.19 -1.06
C PRO B 115 -1.25 6.60 -0.73
N GLY B 116 -0.76 5.70 -1.58
CA GLY B 116 0.52 5.05 -1.31
C GLY B 116 1.69 6.02 -1.37
N GLN B 117 1.60 7.00 -2.21
CA GLN B 117 2.67 8.01 -2.28
C GLN B 117 2.66 8.90 -1.06
N CYS B 118 1.46 9.31 -0.59
CA CYS B 118 1.38 10.12 0.59
C CYS B 118 1.98 9.36 1.77
N ASN B 119 1.48 8.15 1.97
CA ASN B 119 1.95 7.28 3.06
CA ASN B 119 1.96 7.31 3.05
C ASN B 119 3.47 7.12 3.03
N MET B 120 3.99 6.91 1.84
CA MET B 120 5.42 6.68 1.69
C MET B 120 6.22 7.92 2.02
N VAL B 121 5.75 9.08 1.61
CA VAL B 121 6.44 10.36 1.98
C VAL B 121 6.44 10.66 3.47
N VAL B 122 5.27 10.58 4.07
CA VAL B 122 5.12 10.89 5.48
C VAL B 122 5.81 9.82 6.38
N GLU B 123 5.78 8.57 5.97
CA GLU B 123 6.43 7.55 6.77
C GLU B 123 7.94 7.57 6.59
N ARG B 124 8.42 7.91 5.43
CA ARG B 124 9.87 8.00 5.28
C ARG B 124 10.40 9.05 6.27
N LEU B 125 9.78 10.23 6.34
CA LEU B 125 10.24 11.28 7.26
C LEU B 125 10.05 10.88 8.69
N GLY B 126 8.85 10.35 9.01
CA GLY B 126 8.59 9.88 10.36
C GLY B 126 9.61 8.86 10.83
N ASP B 127 9.87 7.86 10.02
CA ASP B 127 10.86 6.79 10.38
C ASP B 127 12.27 7.36 10.55
N TYR B 128 12.65 8.35 9.74
CA TYR B 128 13.89 9.05 10.01
C TYR B 128 13.95 9.73 11.38
N LEU B 129 12.91 10.48 11.72
CA LEU B 129 12.85 11.11 13.03
C LEU B 129 12.90 10.08 14.15
N VAL B 130 12.22 8.96 14.00
CA VAL B 130 12.29 7.91 15.03
C VAL B 130 13.74 7.41 15.19
N ASP B 131 14.41 7.14 14.10
CA ASP B 131 15.86 6.80 14.17
C ASP B 131 16.74 7.84 14.86
N GLN B 132 16.39 9.12 14.79
CA GLN B 132 17.16 10.17 15.47
C GLN B 132 16.65 10.34 16.91
N GLY B 133 15.80 9.44 17.39
CA GLY B 133 15.35 9.47 18.78
C GLY B 133 14.29 10.55 19.03
N MET B 134 13.63 11.05 17.96
CA MET B 134 12.47 11.97 18.12
C MET B 134 11.12 11.31 17.68
N PRO C 1 5.51 -4.65 4.69
CA PRO C 1 4.20 -4.34 4.10
C PRO C 1 3.38 -3.32 4.86
N PRO C 2 2.54 -2.62 4.15
CA PRO C 2 1.49 -1.86 4.76
C PRO C 2 0.62 -2.78 5.65
N PRO C 3 -0.17 -2.20 6.53
CA PRO C 3 -1.14 -2.98 7.27
C PRO C 3 -2.24 -3.47 6.39
N PRO C 4 -2.62 -4.72 6.57
CA PRO C 4 -3.80 -5.21 5.89
C PRO C 4 -4.98 -4.33 6.16
N PRO C 5 -5.73 -4.01 5.12
CA PRO C 5 -7.04 -3.43 5.39
C PRO C 5 -7.99 -4.54 5.81
N PRO C 6 -9.19 -4.18 6.26
CA PRO C 6 -10.15 -5.21 6.63
C PRO C 6 -10.39 -6.12 5.47
N PRO C 7 -10.46 -7.40 5.75
CA PRO C 7 -10.75 -8.37 4.69
C PRO C 7 -12.18 -8.20 4.25
N PRO C 8 -12.45 -8.44 2.97
CA PRO C 8 -13.77 -8.28 2.32
C PRO C 8 -14.71 -9.43 2.64
N PRO C 9 -15.95 -9.37 2.13
CA PRO C 9 -16.89 -10.44 2.42
C PRO C 9 -16.33 -11.79 1.97
N PRO D 1 9.81 24.24 20.76
CA PRO D 1 10.04 23.20 19.72
C PRO D 1 11.47 22.79 19.72
N PRO D 2 11.72 21.49 19.81
CA PRO D 2 13.07 20.96 19.89
C PRO D 2 13.87 21.23 18.60
N PRO D 3 15.18 21.32 18.71
CA PRO D 3 16.02 21.48 17.54
C PRO D 3 15.89 20.26 16.60
N PRO D 4 15.87 20.50 15.29
CA PRO D 4 15.75 19.41 14.35
C PRO D 4 17.02 18.58 14.31
N PRO D 5 16.89 17.28 14.10
CA PRO D 5 18.07 16.45 13.85
C PRO D 5 18.73 16.90 12.56
N PRO D 6 19.95 16.41 12.30
CA PRO D 6 20.63 16.74 11.04
C PRO D 6 19.82 16.21 9.86
N PRO D 7 19.70 16.98 8.77
CA PRO D 7 18.77 16.56 7.70
C PRO D 7 19.08 15.16 7.21
N PRO D 8 18.08 14.48 6.70
CA PRO D 8 18.32 13.17 6.09
C PRO D 8 19.01 13.38 4.73
N PRO D 9 19.65 12.33 4.18
CA PRO D 9 19.73 10.99 4.73
C PRO D 9 21.05 10.77 5.46
#